data_7MS7
#
_entry.id   7MS7
#
_cell.length_a   61.556
_cell.length_b   84.870
_cell.length_c   59.542
_cell.angle_alpha   90.000
_cell.angle_beta   98.860
_cell.angle_gamma   90.000
#
_symmetry.space_group_name_H-M   'C 1 2 1'
#
loop_
_entity.id
_entity.type
_entity.pdbx_description
1 polymer 'Ubiquitin carboxyl-terminal hydrolase 5'
2 non-polymer 'ZINC ION'
3 non-polymer N-{5-[4-(4-chlorophenyl)piperidine-1-sulfonyl]pyridine-2-carbonyl}glycine
4 non-polymer 1,2-ETHANEDIOL
5 non-polymer 'ACETATE ION'
6 water water
#
_entity_poly.entity_id   1
_entity_poly.type   'polypeptide(L)'
_entity_poly.pdbx_seq_one_letter_code
;GGEVRQVSKHAFSLKQLDNPARIPPCGWKCSKCDMRENLWLNLTDGSILCGRRYFDGSGGNNHAVEHYRETGYPLAVKLG
TITPDGADVYSYDEDDMVLDPSLAEHLSHFGIDMLKMQKTD
;
_entity_poly.pdbx_strand_id   A,B
#
# COMPACT_ATOMS: atom_id res chain seq x y z
N VAL A 4 -5.31 -14.04 25.25
CA VAL A 4 -5.03 -12.67 25.82
C VAL A 4 -3.55 -12.58 26.24
N ARG A 5 -2.93 -11.46 25.91
N ARG A 5 -2.88 -11.50 25.82
CA ARG A 5 -1.47 -11.30 26.06
CA ARG A 5 -1.43 -11.33 26.06
C ARG A 5 -1.14 -10.31 27.18
C ARG A 5 -1.20 -10.41 27.24
N GLN A 6 -0.06 -10.55 27.89
CA GLN A 6 0.34 -9.74 29.01
C GLN A 6 1.02 -8.47 28.54
N VAL A 7 0.93 -7.42 29.35
CA VAL A 7 1.58 -6.15 29.09
C VAL A 7 3.10 -6.37 29.05
N SER A 8 3.77 -5.89 28.00
CA SER A 8 5.24 -5.90 27.97
C SER A 8 5.82 -4.99 29.04
N LYS A 9 6.89 -5.43 29.70
CA LYS A 9 7.64 -4.57 30.61
C LYS A 9 8.24 -3.37 29.89
N HIS A 10 8.36 -3.41 28.55
CA HIS A 10 9.03 -2.35 27.77
C HIS A 10 8.04 -1.30 27.31
N ALA A 11 6.74 -1.56 27.36
CA ALA A 11 5.75 -0.77 26.58
C ALA A 11 5.71 0.68 27.09
N PHE A 12 5.66 0.89 28.40
CA PHE A 12 5.45 2.27 28.92
C PHE A 12 6.63 3.15 28.54
N SER A 13 7.86 2.67 28.71
CA SER A 13 9.05 3.54 28.66
C SER A 13 9.84 3.32 27.36
N LEU A 14 9.27 2.59 26.40
CA LEU A 14 10.00 2.32 25.13
C LEU A 14 10.53 3.62 24.52
N LYS A 15 11.82 3.62 24.23
CA LYS A 15 12.50 4.75 23.55
C LYS A 15 12.43 4.47 22.04
N GLN A 16 11.79 5.38 21.33
CA GLN A 16 11.76 5.32 19.85
C GLN A 16 12.70 6.39 19.33
N LEU A 17 13.50 6.02 18.37
CA LEU A 17 14.60 6.88 17.85
C LEU A 17 14.00 8.05 17.07
N ASP A 18 14.67 9.19 17.12
CA ASP A 18 14.27 10.34 16.30
C ASP A 18 14.53 10.08 14.79
N ASN A 19 13.92 10.93 13.98
CA ASN A 19 13.93 10.91 12.51
C ASN A 19 13.43 9.56 11.95
N PRO A 20 12.26 9.08 12.43
CA PRO A 20 11.71 7.84 11.88
C PRO A 20 11.25 8.02 10.43
N ALA A 21 11.22 6.88 9.73
CA ALA A 21 10.61 6.78 8.40
C ALA A 21 9.10 6.89 8.53
N ARG A 22 8.47 7.37 7.45
CA ARG A 22 7.02 7.20 7.28
C ARG A 22 6.79 5.81 6.68
N ILE A 23 6.22 4.94 7.49
CA ILE A 23 5.97 3.51 7.12
C ILE A 23 4.65 3.47 6.37
N PRO A 24 4.65 2.93 5.13
CA PRO A 24 3.39 2.94 4.36
C PRO A 24 2.41 1.87 4.84
N PRO A 25 1.15 1.94 4.40
CA PRO A 25 0.14 0.97 4.81
C PRO A 25 0.22 -0.40 4.16
N CYS A 26 1.12 -0.57 3.22
CA CYS A 26 1.28 -1.79 2.44
C CYS A 26 2.56 -1.74 1.63
N GLY A 27 2.95 -2.87 1.04
CA GLY A 27 3.99 -2.88 -0.01
C GLY A 27 5.42 -3.09 0.44
N TRP A 28 5.62 -3.44 1.70
CA TRP A 28 6.95 -3.48 2.32
C TRP A 28 7.76 -4.64 1.79
N LYS A 29 9.04 -4.54 2.04
N LYS A 29 9.06 -4.56 1.96
CA LYS A 29 10.04 -5.59 1.75
CA LYS A 29 9.93 -5.74 1.80
C LYS A 29 10.98 -5.71 2.96
C LYS A 29 10.92 -5.74 2.97
N CYS A 30 11.46 -6.92 3.26
CA CYS A 30 12.60 -7.06 4.18
C CYS A 30 13.78 -6.23 3.68
N SER A 31 14.43 -5.44 4.52
CA SER A 31 15.55 -4.61 4.00
C SER A 31 16.76 -5.50 3.71
N LYS A 32 16.77 -6.75 4.13
CA LYS A 32 17.94 -7.67 3.93
C LYS A 32 17.69 -8.82 2.96
N CYS A 33 16.49 -9.05 2.49
CA CYS A 33 16.18 -10.13 1.52
C CYS A 33 14.92 -9.79 0.71
N ASP A 34 14.47 -10.67 -0.17
N ASP A 34 14.50 -10.72 -0.14
CA ASP A 34 13.37 -10.29 -1.09
CA ASP A 34 13.41 -10.50 -1.12
C ASP A 34 12.01 -10.73 -0.49
C ASP A 34 12.03 -10.59 -0.45
N MET A 35 11.94 -11.04 0.80
CA MET A 35 10.63 -11.35 1.40
C MET A 35 9.69 -10.14 1.41
N ARG A 36 8.46 -10.38 0.99
CA ARG A 36 7.38 -9.36 0.94
C ARG A 36 6.23 -9.71 1.88
N GLU A 37 6.34 -10.82 2.58
CA GLU A 37 5.37 -11.27 3.59
C GLU A 37 6.13 -11.62 4.88
N ASN A 38 5.39 -11.73 5.96
CA ASN A 38 5.96 -12.11 7.28
C ASN A 38 7.07 -11.13 7.69
N LEU A 39 6.69 -9.87 7.67
CA LEU A 39 7.61 -8.74 7.95
C LEU A 39 7.26 -8.04 9.24
N TRP A 40 8.28 -7.73 10.02
CA TRP A 40 8.17 -7.19 11.37
C TRP A 40 8.86 -5.82 11.45
N LEU A 41 8.09 -4.86 11.95
CA LEU A 41 8.53 -3.49 12.19
C LEU A 41 9.05 -3.35 13.60
N ASN A 42 10.34 -3.08 13.75
CA ASN A 42 10.87 -2.89 15.10
C ASN A 42 10.40 -1.51 15.61
N LEU A 43 9.76 -1.46 16.76
CA LEU A 43 9.16 -0.19 17.23
C LEU A 43 10.21 0.79 17.70
N THR A 44 11.45 0.37 17.93
CA THR A 44 12.49 1.36 18.30
C THR A 44 12.95 2.12 17.08
N ASP A 45 13.34 1.44 16.03
CA ASP A 45 14.11 2.05 14.91
C ASP A 45 13.37 2.01 13.57
N GLY A 46 12.19 1.40 13.49
CA GLY A 46 11.41 1.39 12.27
C GLY A 46 12.02 0.48 11.22
N SER A 47 12.95 -0.42 11.59
CA SER A 47 13.48 -1.42 10.63
C SER A 47 12.35 -2.37 10.24
N ILE A 48 12.33 -2.82 8.98
CA ILE A 48 11.34 -3.79 8.46
C ILE A 48 12.14 -4.99 8.02
N LEU A 49 11.97 -6.11 8.72
CA LEU A 49 12.81 -7.30 8.56
C LEU A 49 11.96 -8.54 8.69
N CYS A 50 12.36 -9.59 8.03
CA CYS A 50 11.52 -10.78 8.00
C CYS A 50 11.58 -11.63 9.29
N GLY A 51 10.53 -12.41 9.43
CA GLY A 51 10.30 -13.27 10.57
C GLY A 51 11.20 -14.48 10.64
N ARG A 52 11.19 -15.12 11.79
N ARG A 52 11.17 -15.15 11.78
CA ARG A 52 12.15 -16.21 12.03
CA ARG A 52 12.14 -16.21 12.07
C ARG A 52 11.73 -17.50 11.30
C ARG A 52 11.73 -17.51 11.37
N ARG A 53 12.74 -18.34 11.14
CA ARG A 53 12.57 -19.71 10.65
C ARG A 53 12.20 -20.54 11.87
N TYR A 54 11.01 -21.13 11.92
CA TYR A 54 10.59 -22.07 12.98
C TYR A 54 11.24 -23.44 12.74
N PHE A 55 11.20 -24.26 13.78
CA PHE A 55 11.90 -25.56 13.70
C PHE A 55 11.16 -26.53 12.77
N ASP A 56 9.95 -26.25 12.34
CA ASP A 56 9.23 -27.04 11.30
C ASP A 56 9.63 -26.59 9.88
N GLY A 57 10.50 -25.59 9.74
CA GLY A 57 10.99 -25.07 8.45
C GLY A 57 10.09 -24.00 7.85
N SER A 58 9.00 -23.68 8.50
CA SER A 58 8.11 -22.56 8.10
C SER A 58 8.76 -21.25 8.53
N GLY A 59 8.27 -20.16 8.02
CA GLY A 59 8.70 -18.80 8.39
C GLY A 59 9.75 -18.24 7.49
N GLY A 60 10.39 -17.17 7.98
CA GLY A 60 11.24 -16.33 7.16
C GLY A 60 12.72 -16.61 7.26
N ASN A 61 13.55 -15.61 7.02
CA ASN A 61 15.03 -15.73 7.00
C ASN A 61 15.70 -15.14 8.24
N ASN A 62 14.94 -14.92 9.35
CA ASN A 62 15.53 -14.58 10.67
C ASN A 62 16.09 -13.16 10.78
N HIS A 63 15.78 -12.29 9.82
CA HIS A 63 16.46 -10.98 9.76
C HIS A 63 16.01 -10.10 10.96
N ALA A 64 14.75 -10.16 11.33
CA ALA A 64 14.26 -9.37 12.48
C ALA A 64 14.93 -9.81 13.80
N VAL A 65 14.99 -11.14 14.00
CA VAL A 65 15.57 -11.66 15.29
C VAL A 65 17.10 -11.40 15.30
N GLU A 66 17.76 -11.54 14.14
CA GLU A 66 19.19 -11.22 14.04
C GLU A 66 19.41 -9.76 14.38
N HIS A 67 18.50 -8.86 13.92
CA HIS A 67 18.66 -7.44 14.27
C HIS A 67 18.46 -7.20 15.77
N TYR A 68 17.51 -7.89 16.39
CA TYR A 68 17.37 -7.83 17.86
C TYR A 68 18.69 -8.25 18.54
N ARG A 69 19.28 -9.31 18.05
CA ARG A 69 20.54 -9.81 18.73
C ARG A 69 21.58 -8.70 18.68
N GLU A 70 21.60 -7.92 17.58
CA GLU A 70 22.63 -6.89 17.40
C GLU A 70 22.29 -5.60 18.15
N THR A 71 21.03 -5.26 18.41
CA THR A 71 20.63 -3.93 18.94
C THR A 71 20.06 -3.98 20.35
N GLY A 72 19.43 -5.12 20.71
CA GLY A 72 18.61 -5.24 21.92
C GLY A 72 17.29 -4.52 21.88
N TYR A 73 16.83 -4.08 20.72
CA TYR A 73 15.54 -3.37 20.56
C TYR A 73 14.40 -4.38 20.57
N PRO A 74 13.60 -4.45 21.69
CA PRO A 74 12.90 -5.70 21.97
C PRO A 74 11.52 -5.89 21.38
N LEU A 75 10.84 -4.84 20.96
CA LEU A 75 9.45 -4.96 20.50
C LEU A 75 9.38 -4.83 18.98
N ALA A 76 8.64 -5.71 18.35
CA ALA A 76 8.32 -5.59 16.92
C ALA A 76 6.86 -5.90 16.67
N VAL A 77 6.29 -5.24 15.69
CA VAL A 77 4.90 -5.46 15.29
C VAL A 77 4.83 -6.11 13.92
N LYS A 78 3.97 -7.12 13.76
CA LYS A 78 3.86 -7.81 12.45
C LYS A 78 3.07 -6.95 11.48
N LEU A 79 3.70 -6.53 10.41
CA LEU A 79 3.00 -5.68 9.44
C LEU A 79 1.93 -6.53 8.78
N GLY A 80 0.80 -5.88 8.55
CA GLY A 80 -0.37 -6.60 8.00
C GLY A 80 -1.31 -7.07 9.08
N THR A 81 -0.98 -6.95 10.39
CA THR A 81 -1.83 -7.35 11.52
C THR A 81 -2.44 -6.13 12.21
N ILE A 82 -2.04 -4.91 11.82
CA ILE A 82 -2.50 -3.69 12.52
C ILE A 82 -3.94 -3.41 12.10
N THR A 83 -4.79 -3.24 13.11
CA THR A 83 -6.25 -2.94 12.93
C THR A 83 -6.61 -1.86 13.96
N PRO A 84 -7.85 -1.33 13.92
CA PRO A 84 -8.27 -0.44 15.01
C PRO A 84 -8.35 -1.11 16.38
N ASP A 85 -8.29 -2.44 16.40
CA ASP A 85 -8.45 -3.25 17.64
C ASP A 85 -7.09 -3.66 18.20
N GLY A 86 -5.97 -3.33 17.50
CA GLY A 86 -4.68 -3.77 18.04
C GLY A 86 -3.80 -4.34 16.94
N ALA A 87 -2.82 -5.18 17.31
CA ALA A 87 -1.85 -5.73 16.37
C ALA A 87 -1.17 -6.91 17.05
N ASP A 88 -0.43 -7.70 16.27
CA ASP A 88 0.48 -8.74 16.78
C ASP A 88 1.81 -8.08 17.11
N VAL A 89 2.16 -8.04 18.38
CA VAL A 89 3.40 -7.46 18.92
C VAL A 89 4.16 -8.55 19.60
N TYR A 90 5.43 -8.76 19.18
N TYR A 90 5.44 -8.70 19.23
CA TYR A 90 6.35 -9.73 19.83
CA TYR A 90 6.31 -9.71 19.86
C TYR A 90 7.39 -8.98 20.65
C TYR A 90 7.41 -9.01 20.64
N SER A 91 7.75 -9.52 21.82
CA SER A 91 8.90 -9.06 22.61
C SER A 91 9.98 -10.13 22.58
N TYR A 92 11.12 -9.81 21.99
N TYR A 92 11.13 -9.81 22.01
CA TYR A 92 12.25 -10.77 21.91
CA TYR A 92 12.23 -10.79 21.86
C TYR A 92 12.84 -11.07 23.30
C TYR A 92 12.80 -11.26 23.20
N ASP A 93 12.88 -10.08 24.19
N ASP A 93 12.97 -10.37 24.17
CA ASP A 93 13.49 -10.15 25.54
CA ASP A 93 13.61 -10.78 25.44
C ASP A 93 12.64 -11.01 26.48
C ASP A 93 12.54 -11.41 26.33
N GLU A 94 11.32 -10.89 26.34
CA GLU A 94 10.29 -11.61 27.12
C GLU A 94 9.92 -12.91 26.41
N ASP A 95 10.29 -13.01 25.13
CA ASP A 95 10.09 -14.20 24.29
C ASP A 95 8.63 -14.61 24.33
N ASP A 96 7.75 -13.66 24.02
CA ASP A 96 6.31 -13.92 23.92
C ASP A 96 5.60 -12.84 23.12
N MET A 97 4.42 -13.18 22.66
CA MET A 97 3.49 -12.17 22.16
C MET A 97 3.02 -11.35 23.36
N VAL A 98 2.98 -10.05 23.22
CA VAL A 98 2.66 -9.10 24.32
C VAL A 98 1.61 -8.09 23.89
N LEU A 99 1.06 -7.44 24.91
CA LEU A 99 0.24 -6.23 24.75
C LEU A 99 1.12 -4.99 24.97
N ASP A 100 0.98 -4.04 24.04
CA ASP A 100 1.61 -2.71 24.17
C ASP A 100 0.50 -1.69 24.37
N PRO A 101 0.19 -1.31 25.62
CA PRO A 101 -0.88 -0.31 25.82
C PRO A 101 -0.60 1.05 25.15
N SER A 102 0.65 1.32 24.75
CA SER A 102 1.06 2.56 24.05
C SER A 102 1.22 2.30 22.55
N LEU A 103 0.56 1.28 22.04
CA LEU A 103 0.65 0.95 20.60
C LEU A 103 0.24 2.10 19.70
N ALA A 104 -0.86 2.78 19.96
CA ALA A 104 -1.27 3.85 19.03
C ALA A 104 -0.16 4.93 18.95
N GLU A 105 0.42 5.33 20.08
CA GLU A 105 1.52 6.31 20.11
C GLU A 105 2.74 5.75 19.34
N HIS A 106 3.07 4.49 19.60
CA HIS A 106 4.27 3.89 19.01
C HIS A 106 4.12 3.81 17.49
N LEU A 107 2.91 3.52 17.00
CA LEU A 107 2.69 3.47 15.55
C LEU A 107 2.58 4.88 14.95
N SER A 108 1.96 5.83 15.65
N SER A 108 1.96 5.83 15.65
CA SER A 108 1.87 7.25 15.21
CA SER A 108 1.86 7.25 15.18
C SER A 108 3.29 7.80 14.96
C SER A 108 3.29 7.80 14.95
N HIS A 109 4.28 7.33 15.70
CA HIS A 109 5.69 7.77 15.54
C HIS A 109 6.14 7.50 14.10
N PHE A 110 5.65 6.45 13.47
CA PHE A 110 5.99 6.01 12.10
C PHE A 110 4.96 6.49 11.07
N GLY A 111 4.08 7.37 11.47
CA GLY A 111 2.99 7.83 10.58
C GLY A 111 1.96 6.78 10.29
N ILE A 112 1.79 5.83 11.18
CA ILE A 112 0.73 4.80 11.05
C ILE A 112 -0.44 5.18 11.96
N ASP A 113 -1.61 5.36 11.36
CA ASP A 113 -2.88 5.61 12.10
C ASP A 113 -3.65 4.30 12.19
N MET A 114 -3.56 3.59 13.31
CA MET A 114 -4.14 2.22 13.36
C MET A 114 -5.67 2.29 13.23
N LEU A 115 -6.26 3.41 13.66
CA LEU A 115 -7.71 3.69 13.48
C LEU A 115 -8.08 3.74 11.98
N LYS A 116 -7.10 3.79 11.06
CA LYS A 116 -7.35 3.55 9.61
C LYS A 116 -6.68 2.26 9.18
N ARG B 5 -7.21 -3.87 -29.86
CA ARG B 5 -7.18 -2.54 -29.12
C ARG B 5 -6.41 -1.48 -29.92
N GLN B 6 -7.11 -0.44 -30.36
CA GLN B 6 -6.57 0.67 -31.18
C GLN B 6 -5.85 1.72 -30.31
N VAL B 7 -4.92 2.45 -30.90
CA VAL B 7 -4.19 3.57 -30.25
C VAL B 7 -5.17 4.71 -30.02
N SER B 8 -5.26 5.22 -28.78
CA SER B 8 -6.16 6.34 -28.48
C SER B 8 -5.70 7.60 -29.22
N LYS B 9 -6.66 8.36 -29.73
CA LYS B 9 -6.40 9.69 -30.30
C LYS B 9 -5.79 10.61 -29.25
N HIS B 10 -5.99 10.31 -27.95
CA HIS B 10 -5.50 11.18 -26.86
C HIS B 10 -4.07 10.86 -26.43
N ALA B 11 -3.52 9.69 -26.77
CA ALA B 11 -2.35 9.08 -26.11
C ALA B 11 -1.11 9.99 -26.24
N PHE B 12 -0.73 10.39 -27.45
CA PHE B 12 0.50 11.18 -27.60
C PHE B 12 0.38 12.60 -27.02
N SER B 13 -0.74 13.29 -27.22
CA SER B 13 -0.98 14.71 -26.89
C SER B 13 -1.57 14.91 -25.49
N LEU B 14 -1.90 13.86 -24.75
CA LEU B 14 -2.55 14.02 -23.41
C LEU B 14 -1.85 15.14 -22.59
N LYS B 15 -2.60 16.11 -22.08
CA LYS B 15 -2.03 17.15 -21.18
C LYS B 15 -2.32 16.67 -19.75
N GLN B 16 -1.29 16.48 -18.96
CA GLN B 16 -1.38 16.07 -17.54
C GLN B 16 -1.23 17.31 -16.67
N LEU B 17 -2.00 17.46 -15.63
CA LEU B 17 -1.96 18.66 -14.76
C LEU B 17 -0.67 18.74 -13.95
N ASP B 18 -0.34 19.97 -13.55
N ASP B 18 -0.30 19.96 -13.57
CA ASP B 18 0.81 20.28 -12.67
CA ASP B 18 0.89 20.18 -12.72
C ASP B 18 0.52 19.75 -11.25
C ASP B 18 0.54 19.78 -11.28
N ASN B 19 1.54 19.72 -10.39
CA ASN B 19 1.37 19.36 -8.95
C ASN B 19 0.60 18.05 -8.79
N PRO B 20 0.96 16.97 -9.52
CA PRO B 20 0.30 15.67 -9.36
C PRO B 20 0.62 15.05 -8.01
N ALA B 21 -0.25 14.18 -7.56
CA ALA B 21 0.00 13.34 -6.37
C ALA B 21 0.97 12.24 -6.76
N ARG B 22 1.74 11.77 -5.78
CA ARG B 22 2.49 10.52 -5.90
C ARG B 22 1.50 9.38 -5.64
N ILE B 23 1.28 8.58 -6.65
CA ILE B 23 0.37 7.42 -6.55
C ILE B 23 1.19 6.26 -6.01
N PRO B 24 0.76 5.64 -4.92
CA PRO B 24 1.54 4.58 -4.30
C PRO B 24 1.45 3.28 -5.10
N PRO B 25 2.33 2.32 -4.81
CA PRO B 25 2.36 1.05 -5.53
C PRO B 25 1.30 0.03 -5.14
N CYS B 26 0.45 0.36 -4.17
CA CYS B 26 -0.56 -0.54 -3.62
C CYS B 26 -1.52 0.26 -2.75
N GLY B 27 -2.59 -0.36 -2.35
CA GLY B 27 -3.42 0.09 -1.21
C GLY B 27 -4.47 1.13 -1.57
N TRP B 28 -4.77 1.25 -2.85
CA TRP B 28 -5.65 2.32 -3.36
C TRP B 28 -7.07 2.13 -2.89
N LYS B 29 -7.82 3.22 -2.89
N LYS B 29 -7.82 3.23 -2.80
CA LYS B 29 -9.24 3.27 -2.54
CA LYS B 29 -9.27 3.18 -2.61
C LYS B 29 -9.91 4.30 -3.45
C LYS B 29 -9.90 4.26 -3.48
N CYS B 30 -11.18 4.08 -3.81
CA CYS B 30 -11.95 5.13 -4.49
C CYS B 30 -11.95 6.40 -3.60
N SER B 31 -11.68 7.57 -4.11
CA SER B 31 -11.71 8.76 -3.22
C SER B 31 -13.11 9.11 -2.77
N LYS B 32 -14.15 8.54 -3.38
CA LYS B 32 -15.56 8.87 -3.04
C LYS B 32 -16.32 7.73 -2.39
N CYS B 33 -15.81 6.53 -2.25
CA CYS B 33 -16.54 5.44 -1.55
C CYS B 33 -15.55 4.45 -0.99
N ASP B 34 -15.98 3.32 -0.43
N ASP B 34 -16.01 3.31 -0.49
CA ASP B 34 -15.06 2.40 0.28
CA ASP B 34 -15.17 2.29 0.20
C ASP B 34 -14.43 1.38 -0.68
C ASP B 34 -14.50 1.32 -0.76
N MET B 35 -14.65 1.50 -1.99
N MET B 35 -14.75 1.41 -2.06
CA MET B 35 -14.17 0.41 -2.89
CA MET B 35 -14.23 0.32 -2.93
C MET B 35 -12.66 0.35 -2.97
C MET B 35 -12.71 0.33 -3.00
N ARG B 36 -12.10 -0.85 -2.89
CA ARG B 36 -10.67 -1.13 -3.01
C ARG B 36 -10.34 -1.93 -4.26
N GLU B 37 -11.35 -2.29 -5.04
CA GLU B 37 -11.15 -3.06 -6.29
C GLU B 37 -11.87 -2.29 -7.41
N ASN B 38 -11.49 -2.60 -8.65
CA ASN B 38 -12.13 -1.99 -9.83
C ASN B 38 -12.00 -0.48 -9.76
N LEU B 39 -10.78 -0.06 -9.61
CA LEU B 39 -10.36 1.34 -9.47
C LEU B 39 -9.64 1.79 -10.71
N TRP B 40 -9.91 3.03 -11.06
CA TRP B 40 -9.41 3.65 -12.31
C TRP B 40 -8.67 4.96 -11.98
N LEU B 41 -7.43 5.03 -12.44
CA LEU B 41 -6.56 6.21 -12.26
C LEU B 41 -6.75 7.07 -13.49
N ASN B 42 -7.34 8.24 -13.33
CA ASN B 42 -7.47 9.15 -14.50
C ASN B 42 -6.09 9.73 -14.81
N LEU B 43 -5.62 9.60 -16.06
CA LEU B 43 -4.23 9.98 -16.37
C LEU B 43 -4.12 11.49 -16.48
N THR B 44 -5.18 12.29 -16.49
CA THR B 44 -4.99 13.74 -16.48
C THR B 44 -4.67 14.26 -15.10
N ASP B 45 -5.40 13.86 -14.09
CA ASP B 45 -5.43 14.50 -12.76
C ASP B 45 -4.97 13.57 -11.63
N GLY B 46 -4.82 12.28 -11.86
CA GLY B 46 -4.44 11.34 -10.82
C GLY B 46 -5.54 10.96 -9.86
N SER B 47 -6.79 11.29 -10.18
CA SER B 47 -7.92 10.82 -9.35
C SER B 47 -8.01 9.29 -9.42
N ILE B 48 -8.32 8.66 -8.31
CA ILE B 48 -8.58 7.20 -8.27
C ILE B 48 -10.03 7.02 -7.86
N LEU B 49 -10.81 6.43 -8.79
CA LEU B 49 -12.27 6.35 -8.62
C LEU B 49 -12.75 5.00 -9.17
N CYS B 50 -13.87 4.54 -8.65
CA CYS B 50 -14.35 3.18 -8.97
C CYS B 50 -15.06 3.15 -10.34
N GLY B 51 -15.15 1.90 -10.82
CA GLY B 51 -15.71 1.61 -12.14
C GLY B 51 -17.20 1.70 -12.25
N ARG B 52 -17.67 1.63 -13.51
N ARG B 52 -17.66 1.63 -13.51
CA ARG B 52 -19.07 1.82 -13.90
CA ARG B 52 -19.06 1.84 -13.90
C ARG B 52 -20.00 0.83 -13.18
C ARG B 52 -19.98 0.83 -13.20
N ARG B 53 -21.18 1.29 -12.80
N ARG B 53 -21.16 1.28 -12.82
CA ARG B 53 -22.24 0.43 -12.27
CA ARG B 53 -22.21 0.40 -12.28
C ARG B 53 -22.99 -0.15 -13.46
C ARG B 53 -22.98 -0.15 -13.47
N TYR B 54 -23.24 -1.46 -13.45
CA TYR B 54 -24.03 -2.13 -14.51
C TYR B 54 -25.35 -2.65 -13.96
N PHE B 55 -26.27 -2.80 -14.91
CA PHE B 55 -27.68 -3.15 -14.62
C PHE B 55 -27.82 -4.55 -14.04
N ASP B 56 -26.82 -5.41 -14.24
CA ASP B 56 -26.82 -6.79 -13.73
C ASP B 56 -26.31 -6.88 -12.29
N GLY B 57 -25.99 -5.74 -11.67
CA GLY B 57 -25.50 -5.76 -10.29
C GLY B 57 -23.99 -5.77 -10.25
N SER B 58 -23.31 -5.89 -11.38
CA SER B 58 -21.84 -5.97 -11.43
C SER B 58 -21.30 -4.54 -11.51
N GLY B 59 -19.98 -4.43 -11.33
CA GLY B 59 -19.28 -3.14 -11.48
C GLY B 59 -19.09 -2.44 -10.17
N GLY B 60 -18.81 -1.16 -10.26
CA GLY B 60 -18.51 -0.34 -9.08
C GLY B 60 -19.63 0.62 -8.81
N ASN B 61 -19.33 1.74 -8.15
CA ASN B 61 -20.30 2.75 -7.74
C ASN B 61 -20.28 3.95 -8.70
N ASN B 62 -19.64 3.77 -9.88
CA ASN B 62 -19.83 4.74 -10.98
C ASN B 62 -19.05 6.08 -10.85
N HIS B 63 -18.06 6.12 -9.93
CA HIS B 63 -17.41 7.41 -9.66
C HIS B 63 -16.45 7.85 -10.76
N ALA B 64 -15.73 6.96 -11.40
CA ALA B 64 -14.75 7.34 -12.44
C ALA B 64 -15.49 7.92 -13.63
N VAL B 65 -16.59 7.34 -14.06
CA VAL B 65 -17.32 7.87 -15.25
C VAL B 65 -18.02 9.20 -14.90
N GLU B 66 -18.51 9.32 -13.69
CA GLU B 66 -19.10 10.61 -13.24
C GLU B 66 -18.04 11.68 -13.26
N HIS B 67 -16.80 11.31 -12.91
CA HIS B 67 -15.70 12.29 -12.95
C HIS B 67 -15.37 12.67 -14.38
N TYR B 68 -15.36 11.75 -15.33
CA TYR B 68 -15.21 12.10 -16.75
C TYR B 68 -16.36 13.01 -17.20
N ARG B 69 -17.57 12.74 -16.80
CA ARG B 69 -18.72 13.60 -17.18
C ARG B 69 -18.47 15.04 -16.68
N GLU B 70 -17.90 15.19 -15.51
CA GLU B 70 -17.69 16.52 -14.91
C GLU B 70 -16.49 17.20 -15.56
N THR B 71 -15.43 16.50 -15.88
CA THR B 71 -14.13 17.10 -16.23
C THR B 71 -13.81 17.09 -17.72
N GLY B 72 -14.24 16.08 -18.44
CA GLY B 72 -13.77 15.79 -19.81
C GLY B 72 -12.45 15.06 -19.94
N TYR B 73 -11.84 14.61 -18.83
CA TYR B 73 -10.53 13.95 -18.85
C TYR B 73 -10.67 12.51 -19.33
N PRO B 74 -10.20 12.16 -20.54
CA PRO B 74 -10.74 10.97 -21.19
C PRO B 74 -10.07 9.63 -20.93
N LEU B 75 -8.85 9.58 -20.43
CA LEU B 75 -8.10 8.31 -20.31
C LEU B 75 -7.94 7.90 -18.85
N ALA B 76 -8.20 6.64 -18.55
CA ALA B 76 -7.99 6.10 -17.22
C ALA B 76 -7.42 4.72 -17.33
N VAL B 77 -6.55 4.40 -16.38
N VAL B 77 -6.61 4.37 -16.35
CA VAL B 77 -5.89 3.07 -16.32
CA VAL B 77 -5.88 3.08 -16.27
C VAL B 77 -6.42 2.29 -15.11
C VAL B 77 -6.43 2.29 -15.09
N LYS B 78 -6.69 1.00 -15.30
CA LYS B 78 -7.22 0.17 -14.22
C LYS B 78 -6.12 -0.21 -13.25
N LEU B 79 -6.20 0.22 -12.02
CA LEU B 79 -5.18 -0.15 -11.04
C LEU B 79 -5.25 -1.67 -10.78
N GLY B 80 -4.07 -2.20 -10.59
CA GLY B 80 -3.96 -3.67 -10.44
C GLY B 80 -3.66 -4.36 -11.76
N THR B 81 -3.75 -3.66 -12.89
CA THR B 81 -3.42 -4.22 -14.24
C THR B 81 -2.08 -3.72 -14.72
N ILE B 82 -1.40 -2.83 -14.01
CA ILE B 82 -0.12 -2.25 -14.47
C ILE B 82 0.96 -3.33 -14.27
N THR B 83 1.65 -3.67 -15.36
CA THR B 83 2.81 -4.62 -15.35
C THR B 83 3.98 -3.97 -16.08
N PRO B 84 5.15 -4.64 -16.18
CA PRO B 84 6.24 -4.04 -16.92
C PRO B 84 5.92 -3.82 -18.40
N ASP B 85 4.98 -4.58 -18.93
CA ASP B 85 4.65 -4.62 -20.38
C ASP B 85 3.50 -3.68 -20.72
N GLY B 86 2.62 -3.36 -19.75
CA GLY B 86 1.40 -2.66 -20.15
C GLY B 86 0.41 -2.54 -19.03
N ALA B 87 -0.84 -2.21 -19.38
CA ALA B 87 -1.96 -1.98 -18.44
C ALA B 87 -3.26 -1.93 -19.25
N ASP B 88 -4.39 -2.03 -18.58
CA ASP B 88 -5.74 -1.88 -19.17
C ASP B 88 -6.10 -0.37 -19.13
N VAL B 89 -6.14 0.27 -20.29
CA VAL B 89 -6.40 1.72 -20.43
C VAL B 89 -7.76 1.86 -21.13
N TYR B 90 -8.62 2.69 -20.57
N TYR B 90 -8.69 2.60 -20.52
CA TYR B 90 -9.96 2.92 -21.12
CA TYR B 90 -10.02 2.91 -21.09
C TYR B 90 -10.05 4.37 -21.56
C TYR B 90 -10.05 4.36 -21.55
N SER B 91 -10.73 4.62 -22.69
CA SER B 91 -10.99 5.98 -23.18
C SER B 91 -12.48 6.20 -23.09
N TYR B 92 -12.95 7.19 -22.34
CA TYR B 92 -14.39 7.43 -22.15
C TYR B 92 -15.05 8.00 -23.40
N ASP B 93 -14.36 8.81 -24.18
CA ASP B 93 -15.08 9.35 -25.35
C ASP B 93 -14.90 8.44 -26.56
N GLU B 94 -13.87 7.64 -26.62
CA GLU B 94 -13.80 6.59 -27.66
C GLU B 94 -14.66 5.39 -27.26
N ASP B 95 -15.02 5.30 -25.98
N ASP B 95 -15.04 5.29 -25.98
CA ASP B 95 -15.81 4.22 -25.37
CA ASP B 95 -15.86 4.20 -25.41
C ASP B 95 -15.18 2.88 -25.70
C ASP B 95 -15.17 2.86 -25.72
N ASP B 96 -13.89 2.72 -25.41
CA ASP B 96 -13.22 1.43 -25.67
C ASP B 96 -11.96 1.32 -24.86
N MET B 97 -11.51 0.11 -24.62
CA MET B 97 -10.15 -0.12 -24.18
C MET B 97 -9.19 0.24 -25.30
N VAL B 98 -8.14 0.95 -25.01
CA VAL B 98 -7.23 1.54 -26.00
C VAL B 98 -5.78 1.26 -25.64
N LEU B 99 -4.85 1.47 -26.58
CA LEU B 99 -3.39 1.53 -26.30
C LEU B 99 -2.98 2.97 -26.08
N ASP B 100 -2.09 3.13 -25.12
CA ASP B 100 -1.42 4.41 -24.87
C ASP B 100 0.06 4.10 -25.00
N PRO B 101 0.65 4.32 -26.19
CA PRO B 101 2.10 4.15 -26.33
C PRO B 101 2.97 5.06 -25.45
N SER B 102 2.44 6.15 -24.87
CA SER B 102 3.14 7.08 -23.92
C SER B 102 2.86 6.74 -22.44
N LEU B 103 2.34 5.54 -22.23
CA LEU B 103 1.83 5.13 -20.91
C LEU B 103 2.94 5.19 -19.88
N ALA B 104 4.19 4.83 -20.22
CA ALA B 104 5.24 4.88 -19.18
C ALA B 104 5.46 6.31 -18.72
N GLU B 105 5.42 7.32 -19.60
CA GLU B 105 5.61 8.76 -19.25
C GLU B 105 4.40 9.18 -18.37
N HIS B 106 3.23 8.80 -18.85
CA HIS B 106 1.95 9.18 -18.16
C HIS B 106 1.95 8.64 -16.75
N LEU B 107 2.45 7.44 -16.54
CA LEU B 107 2.53 6.89 -15.17
C LEU B 107 3.70 7.49 -14.38
N SER B 108 4.85 7.74 -15.02
CA SER B 108 5.99 8.42 -14.34
C SER B 108 5.61 9.78 -13.78
N HIS B 109 4.64 10.47 -14.39
CA HIS B 109 4.12 11.77 -13.93
C HIS B 109 3.64 11.64 -12.47
N PHE B 110 3.08 10.46 -12.14
CA PHE B 110 2.53 10.18 -10.81
C PHE B 110 3.52 9.43 -9.93
N GLY B 111 4.75 9.24 -10.39
CA GLY B 111 5.77 8.55 -9.54
C GLY B 111 5.63 7.04 -9.64
N ILE B 112 4.92 6.52 -10.65
CA ILE B 112 4.64 5.09 -10.81
C ILE B 112 5.78 4.50 -11.63
N ASP B 113 6.36 3.43 -11.11
CA ASP B 113 7.38 2.60 -11.80
C ASP B 113 6.67 1.33 -12.18
N MET B 114 6.47 1.09 -13.47
CA MET B 114 5.73 -0.07 -13.98
C MET B 114 6.43 -1.40 -13.62
N LEU B 115 7.64 -1.37 -13.09
CA LEU B 115 8.21 -2.59 -12.44
C LEU B 115 7.86 -2.63 -10.94
N LYS B 116 7.13 -1.68 -10.37
CA LYS B 116 6.82 -1.68 -8.91
C LYS B 116 5.36 -1.24 -8.69
N MET B 117 4.40 -2.03 -9.18
CA MET B 117 2.94 -1.80 -8.94
C MET B 117 2.26 -3.13 -8.57
N GLN B 118 1.50 -3.15 -7.47
CA GLN B 118 0.72 -4.32 -6.96
C GLN B 118 -0.11 -4.90 -8.12
#